data_1IS0
#
_entry.id   1IS0
#
_cell.length_a   58.355
_cell.length_b   56.501
_cell.length_c   69.305
_cell.angle_alpha   90.00
_cell.angle_beta   90.00
_cell.angle_gamma   90.00
#
_symmetry.space_group_name_H-M   'P 21 21 21'
#
loop_
_entity.id
_entity.type
_entity.pdbx_description
1 polymer 'Tyrosine-protein kinase transforming protein SRC'
2 polymer 'AY0 GLU GLU ILE peptide'
3 water water
#
loop_
_entity_poly.entity_id
_entity_poly.type
_entity_poly.pdbx_seq_one_letter_code
_entity_poly.pdbx_strand_id
1 'polypeptide(L)'
;QAEEWYFGKITRRESERLLLNPENPRGTFLVRESETTKGAYCLSVSDFDNAKGLNVKHYKIRKLDSGGFYITSRTQFSSL
QQLVAYYSKHADGLCHRLTNVCPTSK
;
A,B
2 'polypeptide(L)' (AY0)EEI C,D
#
loop_
_chem_comp.id
_chem_comp.type
_chem_comp.name
_chem_comp.formula
AY0 peptide-like '(1R,2R,3S)-2-(methylcarbamoyl)-3-[4-(phosphonooxy)phenyl]cyclopropanecarboxylic acid' 'C12 H14 N O7 P'
#
# COMPACT_ATOMS: atom_id res chain seq x y z
N GLU A 3 12.59 -13.73 -11.30
CA GLU A 3 13.59 -13.99 -12.38
C GLU A 3 13.49 -12.95 -13.51
N GLU A 4 12.27 -12.72 -14.00
CA GLU A 4 12.01 -11.78 -15.09
C GLU A 4 12.55 -10.36 -14.88
N TRP A 5 12.49 -9.91 -13.63
CA TRP A 5 12.95 -8.58 -13.26
C TRP A 5 14.40 -8.57 -12.74
N TYR A 6 15.05 -9.73 -12.72
CA TYR A 6 16.43 -9.76 -12.25
C TYR A 6 17.34 -9.61 -13.47
N PHE A 7 18.02 -8.48 -13.58
CA PHE A 7 18.87 -8.25 -14.73
C PHE A 7 20.33 -8.54 -14.48
N GLY A 8 20.66 -9.09 -13.31
CA GLY A 8 22.04 -9.45 -13.05
C GLY A 8 23.08 -8.33 -13.10
N LYS A 9 24.16 -8.57 -13.84
CA LYS A 9 25.26 -7.60 -13.93
C LYS A 9 25.11 -6.42 -14.90
N ILE A 10 23.91 -5.91 -15.09
CA ILE A 10 23.72 -4.75 -15.97
C ILE A 10 24.23 -3.53 -15.18
N THR A 11 24.92 -2.60 -15.85
CA THR A 11 25.45 -1.42 -15.17
C THR A 11 24.34 -0.44 -14.75
N ARG A 12 24.67 0.52 -13.89
CA ARG A 12 23.71 1.51 -13.45
C ARG A 12 23.19 2.32 -14.65
N ARG A 13 24.12 2.77 -15.51
CA ARG A 13 23.75 3.56 -16.65
C ARG A 13 22.99 2.76 -17.71
N GLU A 14 23.29 1.47 -17.86
CA GLU A 14 22.56 0.69 -18.87
C GLU A 14 21.15 0.47 -18.35
N SER A 15 21.01 0.33 -17.03
CA SER A 15 19.69 0.17 -16.43
C SER A 15 18.89 1.45 -16.64
N GLU A 16 19.55 2.61 -16.59
CA GLU A 16 18.85 3.87 -16.80
C GLU A 16 18.40 4.00 -18.25
N ARG A 17 19.26 3.57 -19.19
CA ARG A 17 18.97 3.63 -20.63
C ARG A 17 17.66 2.85 -20.91
N LEU A 18 17.59 1.64 -20.37
CA LEU A 18 16.40 0.78 -20.55
C LEU A 18 15.17 1.31 -19.80
N LEU A 19 15.37 1.81 -18.58
CA LEU A 19 14.23 2.30 -17.82
C LEU A 19 13.64 3.61 -18.33
N LEU A 20 14.45 4.38 -19.05
CA LEU A 20 14.01 5.66 -19.57
C LEU A 20 13.30 5.59 -20.91
N ASN A 21 12.93 4.39 -21.34
CA ASN A 21 12.16 4.25 -22.60
C ASN A 21 10.89 5.07 -22.33
N PRO A 22 10.53 5.97 -23.26
CA PRO A 22 9.34 6.81 -23.09
C PRO A 22 8.01 6.12 -22.90
N GLU A 23 7.85 4.89 -23.39
CA GLU A 23 6.57 4.22 -23.19
C GLU A 23 6.53 3.33 -21.94
N ASN A 24 7.56 3.43 -21.08
CA ASN A 24 7.55 2.66 -19.82
C ASN A 24 6.62 3.40 -18.88
N PRO A 25 5.67 2.71 -18.23
CA PRO A 25 4.80 3.42 -17.30
C PRO A 25 5.66 3.78 -16.08
N ARG A 26 5.18 4.72 -15.28
CA ARG A 26 5.87 5.11 -14.06
C ARG A 26 5.90 3.84 -13.13
N GLY A 27 7.03 3.60 -12.46
CA GLY A 27 7.11 2.43 -11.60
C GLY A 27 7.67 1.21 -12.30
N THR A 28 8.18 1.37 -13.53
CA THR A 28 8.81 0.26 -14.27
C THR A 28 10.14 0.00 -13.53
N PHE A 29 10.56 -1.24 -13.40
CA PHE A 29 11.76 -1.49 -12.60
C PHE A 29 12.52 -2.72 -13.01
N LEU A 30 13.67 -2.87 -12.34
CA LEU A 30 14.52 -4.04 -12.52
C LEU A 30 15.35 -4.17 -11.25
N VAL A 31 15.94 -5.35 -11.05
CA VAL A 31 16.81 -5.53 -9.89
C VAL A 31 18.14 -5.91 -10.49
N ARG A 32 19.22 -5.34 -9.96
CA ARG A 32 20.54 -5.63 -10.49
C ARG A 32 21.53 -5.70 -9.34
N GLU A 33 22.71 -6.18 -9.69
CA GLU A 33 23.84 -6.24 -8.76
C GLU A 33 24.27 -4.78 -8.67
N SER A 34 24.72 -4.36 -7.49
CA SER A 34 25.19 -2.97 -7.32
C SER A 34 26.59 -2.84 -7.96
N GLU A 35 26.87 -1.70 -8.57
CA GLU A 35 28.19 -1.51 -9.16
C GLU A 35 29.20 -1.07 -8.11
N THR A 36 28.73 -0.27 -7.15
CA THR A 36 29.59 0.27 -6.11
C THR A 36 29.68 -0.44 -4.76
N THR A 37 28.81 -1.41 -4.51
CA THR A 37 28.88 -2.12 -3.24
C THR A 37 28.83 -3.59 -3.61
N LYS A 38 29.98 -4.26 -3.53
CA LYS A 38 30.05 -5.68 -3.87
C LYS A 38 29.16 -6.50 -2.90
N GLY A 39 28.34 -7.37 -3.48
CA GLY A 39 27.45 -8.17 -2.65
C GLY A 39 26.06 -7.58 -2.54
N ALA A 40 25.93 -6.28 -2.73
CA ALA A 40 24.61 -5.67 -2.63
C ALA A 40 23.91 -5.61 -4.01
N TYR A 41 22.62 -5.34 -4.01
CA TYR A 41 21.89 -5.26 -5.26
C TYR A 41 21.26 -3.88 -5.29
N CYS A 42 20.53 -3.58 -6.35
CA CYS A 42 19.85 -2.30 -6.46
C CYS A 42 18.52 -2.50 -7.16
N LEU A 43 17.53 -1.75 -6.71
CA LEU A 43 16.21 -1.76 -7.32
C LEU A 43 16.20 -0.43 -8.05
N SER A 44 16.10 -0.48 -9.38
CA SER A 44 16.11 0.75 -10.17
C SER A 44 14.70 0.92 -10.74
N VAL A 45 14.11 2.07 -10.44
CA VAL A 45 12.73 2.37 -10.76
C VAL A 45 12.52 3.64 -11.58
N SER A 46 11.65 3.57 -12.59
CA SER A 46 11.33 4.79 -13.36
C SER A 46 10.36 5.64 -12.59
N ASP A 47 10.55 6.96 -12.68
CA ASP A 47 9.72 7.88 -11.95
C ASP A 47 9.52 9.08 -12.86
N PHE A 48 8.72 10.03 -12.43
CA PHE A 48 8.44 11.21 -13.22
C PHE A 48 7.88 12.31 -12.34
N ASP A 49 8.20 13.56 -12.70
CA ASP A 49 7.60 14.73 -12.07
C ASP A 49 7.53 15.75 -13.21
N ASN A 50 6.64 16.74 -13.07
CA ASN A 50 6.45 17.79 -14.08
C ASN A 50 7.38 18.98 -13.90
N ALA A 51 8.64 18.77 -14.11
CA ALA A 51 9.61 19.84 -14.05
C ALA A 51 10.81 19.15 -14.65
N LYS A 52 11.19 18.02 -14.03
CA LYS A 52 12.34 17.28 -14.51
C LYS A 52 11.99 16.23 -15.57
N GLY A 53 10.79 15.67 -15.50
CA GLY A 53 10.39 14.67 -16.46
C GLY A 53 10.76 13.26 -16.01
N LEU A 54 10.92 12.36 -16.97
CA LEU A 54 11.31 10.97 -16.68
C LEU A 54 12.68 10.90 -16.00
N ASN A 55 12.78 10.12 -14.93
CA ASN A 55 14.06 9.97 -14.25
C ASN A 55 14.06 8.59 -13.59
N VAL A 56 15.23 8.11 -13.19
CA VAL A 56 15.31 6.80 -12.55
C VAL A 56 15.83 6.99 -11.12
N LYS A 57 15.19 6.32 -10.16
CA LYS A 57 15.61 6.37 -8.78
C LYS A 57 16.25 5.00 -8.50
N HIS A 58 17.40 4.98 -7.83
CA HIS A 58 18.06 3.73 -7.51
C HIS A 58 18.04 3.57 -6.00
N TYR A 59 17.67 2.37 -5.56
CA TYR A 59 17.60 2.08 -4.12
C TYR A 59 18.57 0.94 -3.88
N LYS A 60 19.58 1.12 -3.03
CA LYS A 60 20.51 0.03 -2.82
C LYS A 60 19.86 -1.01 -1.94
N ILE A 61 20.03 -2.26 -2.32
CA ILE A 61 19.47 -3.35 -1.56
C ILE A 61 20.68 -3.95 -0.90
N ARG A 62 20.84 -3.71 0.40
CA ARG A 62 21.98 -4.24 1.15
C ARG A 62 21.68 -5.61 1.75
N LYS A 63 22.74 -6.36 2.05
CA LYS A 63 22.66 -7.71 2.61
C LYS A 63 22.66 -7.74 4.13
N LEU A 64 21.86 -8.64 4.69
CA LEU A 64 21.75 -8.81 6.13
C LEU A 64 22.66 -9.94 6.58
N ASP A 65 22.91 -10.03 7.89
CA ASP A 65 23.76 -11.08 8.40
C ASP A 65 23.04 -12.42 8.41
N SER A 66 21.71 -12.36 8.50
CA SER A 66 20.88 -13.56 8.47
C SER A 66 20.81 -14.05 7.00
N GLY A 67 21.23 -13.18 6.08
CA GLY A 67 21.20 -13.53 4.67
C GLY A 67 20.13 -12.72 3.94
N GLY A 68 19.33 -11.99 4.71
CA GLY A 68 18.26 -11.17 4.15
C GLY A 68 18.71 -9.97 3.32
N PHE A 69 17.72 -9.19 2.89
CA PHE A 69 17.94 -8.01 2.05
C PHE A 69 17.11 -6.83 2.55
N TYR A 70 17.56 -5.61 2.28
CA TYR A 70 16.78 -4.47 2.72
C TYR A 70 17.20 -3.20 2.01
N ILE A 71 16.25 -2.28 1.86
CA ILE A 71 16.51 -0.97 1.27
C ILE A 71 16.58 -0.08 2.51
N THR A 72 15.57 -0.17 3.36
CA THR A 72 15.59 0.56 4.64
C THR A 72 15.67 -0.54 5.71
N SER A 73 16.45 -0.32 6.78
CA SER A 73 16.59 -1.35 7.80
C SER A 73 15.27 -1.67 8.52
N ARG A 74 14.31 -0.75 8.42
CA ARG A 74 12.99 -0.92 9.02
C ARG A 74 12.12 -1.96 8.28
N THR A 75 12.53 -2.35 7.07
CA THR A 75 11.77 -3.32 6.26
C THR A 75 12.72 -4.31 5.61
N GLN A 76 12.92 -5.45 6.26
CA GLN A 76 13.84 -6.46 5.79
C GLN A 76 13.10 -7.63 5.16
N PHE A 77 13.75 -8.28 4.20
CA PHE A 77 13.16 -9.41 3.49
C PHE A 77 14.07 -10.60 3.48
N SER A 78 13.51 -11.80 3.28
CA SER A 78 14.33 -12.99 3.24
C SER A 78 14.79 -13.32 1.82
N SER A 79 14.34 -12.52 0.86
CA SER A 79 14.76 -12.70 -0.51
C SER A 79 14.38 -11.47 -1.32
N LEU A 80 14.96 -11.38 -2.51
CA LEU A 80 14.69 -10.29 -3.45
C LEU A 80 13.26 -10.48 -3.97
N GLN A 81 12.84 -11.75 -4.17
CA GLN A 81 11.47 -12.03 -4.62
C GLN A 81 10.45 -11.47 -3.63
N GLN A 82 10.73 -11.61 -2.33
CA GLN A 82 9.82 -11.09 -1.30
C GLN A 82 9.85 -9.56 -1.32
N LEU A 83 11.02 -8.99 -1.58
CA LEU A 83 11.16 -7.53 -1.62
C LEU A 83 10.37 -6.98 -2.82
N VAL A 84 10.55 -7.60 -3.97
CA VAL A 84 9.84 -7.13 -5.18
C VAL A 84 8.33 -7.27 -5.03
N ALA A 85 7.88 -8.38 -4.42
CA ALA A 85 6.43 -8.58 -4.22
C ALA A 85 5.84 -7.51 -3.31
N TYR A 86 6.61 -7.15 -2.28
CA TYR A 86 6.19 -6.16 -1.31
C TYR A 86 6.00 -4.76 -1.92
N TYR A 87 7.00 -4.29 -2.66
CA TYR A 87 6.91 -2.95 -3.22
C TYR A 87 6.00 -2.86 -4.45
N SER A 88 5.62 -4.03 -4.97
CA SER A 88 4.67 -4.13 -6.09
C SER A 88 3.26 -3.97 -5.46
N LYS A 89 3.13 -4.36 -4.19
CA LYS A 89 1.86 -4.25 -3.49
C LYS A 89 1.60 -2.82 -3.05
N HIS A 90 2.63 -2.21 -2.47
CA HIS A 90 2.52 -0.84 -2.00
C HIS A 90 3.87 -0.17 -1.97
N ALA A 91 3.87 1.11 -2.34
CA ALA A 91 5.09 1.90 -2.38
C ALA A 91 5.83 1.95 -1.04
N ASP A 92 5.09 2.15 0.04
CA ASP A 92 5.64 2.24 1.43
C ASP A 92 6.93 3.06 1.44
N GLY A 93 6.87 4.26 0.91
CA GLY A 93 8.07 5.07 0.92
C GLY A 93 8.87 5.11 -0.36
N LEU A 94 8.63 4.16 -1.28
CA LEU A 94 9.35 4.16 -2.55
C LEU A 94 8.82 5.36 -3.38
N CYS A 95 9.51 5.80 -4.42
CA CYS A 95 9.04 6.94 -5.23
C CYS A 95 7.69 6.59 -5.88
N HIS A 96 7.48 5.31 -6.13
CA HIS A 96 6.24 4.85 -6.74
C HIS A 96 6.19 3.33 -6.56
N ARG A 97 4.98 2.79 -6.57
CA ARG A 97 4.74 1.34 -6.48
C ARG A 97 5.44 0.67 -7.70
N LEU A 98 5.97 -0.55 -7.54
CA LEU A 98 6.59 -1.23 -8.67
C LEU A 98 5.37 -1.66 -9.52
N THR A 99 5.35 -1.25 -10.79
CA THR A 99 4.19 -1.53 -11.63
C THR A 99 4.42 -2.51 -12.78
N ASN A 100 5.61 -2.48 -13.35
CA ASN A 100 5.93 -3.32 -14.50
C ASN A 100 7.39 -3.70 -14.54
N VAL A 101 7.67 -4.94 -14.92
CA VAL A 101 9.05 -5.39 -15.08
C VAL A 101 9.60 -4.67 -16.34
N CYS A 102 10.82 -4.17 -16.27
CA CYS A 102 11.42 -3.46 -17.41
C CYS A 102 11.48 -4.37 -18.66
N PRO A 103 10.92 -3.90 -19.78
CA PRO A 103 10.89 -4.67 -21.03
C PRO A 103 12.25 -4.88 -21.69
N THR A 104 12.40 -6.07 -22.31
CA THR A 104 13.59 -6.59 -23.02
C THR A 104 14.95 -6.01 -22.67
N GLU B 3 -23.02 -9.54 12.31
CA GLU B 3 -21.99 -8.49 12.49
C GLU B 3 -20.62 -9.14 12.38
N GLU B 4 -20.46 -9.91 11.29
CA GLU B 4 -19.23 -10.61 10.94
C GLU B 4 -18.21 -9.56 10.47
N TRP B 5 -18.72 -8.34 10.28
CA TRP B 5 -17.89 -7.23 9.89
C TRP B 5 -17.35 -6.54 11.14
N TYR B 6 -17.87 -6.91 12.32
CA TYR B 6 -17.38 -6.29 13.54
C TYR B 6 -16.19 -7.03 14.14
N PHE B 7 -15.06 -6.33 14.30
CA PHE B 7 -13.86 -6.96 14.81
C PHE B 7 -13.46 -6.59 16.23
N GLY B 8 -14.30 -5.81 16.91
CA GLY B 8 -14.02 -5.43 18.28
C GLY B 8 -12.78 -4.62 18.58
N LYS B 9 -12.00 -5.07 19.56
CA LYS B 9 -10.81 -4.31 19.94
C LYS B 9 -9.50 -4.65 19.26
N ILE B 10 -9.52 -4.86 17.96
CA ILE B 10 -8.27 -5.15 17.28
C ILE B 10 -7.60 -3.79 17.08
N THR B 11 -6.28 -3.78 17.02
CA THR B 11 -5.55 -2.54 16.83
C THR B 11 -5.69 -2.07 15.40
N ARG B 12 -5.34 -0.80 15.17
CA ARG B 12 -5.34 -0.24 13.82
C ARG B 12 -4.38 -1.06 12.95
N ARG B 13 -3.23 -1.40 13.50
CA ARG B 13 -2.22 -2.19 12.80
C ARG B 13 -2.76 -3.60 12.44
N GLU B 14 -3.49 -4.20 13.36
CA GLU B 14 -4.05 -5.54 13.11
C GLU B 14 -5.12 -5.44 12.00
N SER B 15 -5.89 -4.35 11.98
CA SER B 15 -6.90 -4.19 10.93
C SER B 15 -6.23 -4.09 9.56
N GLU B 16 -5.06 -3.45 9.51
CA GLU B 16 -4.36 -3.32 8.24
C GLU B 16 -3.76 -4.64 7.80
N ARG B 17 -3.24 -5.43 8.75
CA ARG B 17 -2.67 -6.73 8.38
C ARG B 17 -3.78 -7.59 7.70
N LEU B 18 -4.98 -7.53 8.26
CA LEU B 18 -6.13 -8.29 7.74
C LEU B 18 -6.67 -7.75 6.42
N LEU B 19 -6.83 -6.44 6.34
CA LEU B 19 -7.38 -5.81 5.14
C LEU B 19 -6.42 -5.80 3.98
N LEU B 20 -5.12 -5.80 4.26
CA LEU B 20 -4.08 -5.77 3.23
C LEU B 20 -3.79 -7.10 2.52
N ASN B 21 -4.52 -8.14 2.92
CA ASN B 21 -4.42 -9.46 2.27
C ASN B 21 -4.65 -9.15 0.77
N PRO B 22 -3.70 -9.51 -0.10
CA PRO B 22 -3.87 -9.23 -1.53
C PRO B 22 -4.99 -10.01 -2.23
N GLU B 23 -5.63 -10.91 -1.48
CA GLU B 23 -6.75 -11.67 -2.01
C GLU B 23 -8.03 -10.83 -1.83
N ASN B 24 -8.00 -9.87 -0.90
CA ASN B 24 -9.17 -9.03 -0.64
C ASN B 24 -9.44 -8.07 -1.77
N PRO B 25 -10.68 -8.04 -2.27
CA PRO B 25 -10.99 -7.12 -3.36
C PRO B 25 -11.07 -5.71 -2.81
N ARG B 26 -10.98 -4.72 -3.67
CA ARG B 26 -11.06 -3.32 -3.23
C ARG B 26 -12.42 -3.09 -2.55
N GLY B 27 -12.39 -2.35 -1.45
CA GLY B 27 -13.61 -2.10 -0.74
C GLY B 27 -13.88 -3.10 0.38
N THR B 28 -12.96 -4.04 0.60
CA THR B 28 -13.13 -5.00 1.71
C THR B 28 -13.06 -4.17 3.01
N PHE B 29 -13.87 -4.49 4.02
CA PHE B 29 -13.87 -3.68 5.22
C PHE B 29 -14.10 -4.39 6.53
N LEU B 30 -14.09 -3.62 7.60
CA LEU B 30 -14.37 -4.14 8.93
C LEU B 30 -14.63 -2.93 9.78
N VAL B 31 -15.31 -3.15 10.89
CA VAL B 31 -15.55 -2.08 11.82
C VAL B 31 -14.85 -2.57 13.08
N ARG B 32 -14.18 -1.65 13.76
CA ARG B 32 -13.45 -2.00 14.98
C ARG B 32 -13.66 -0.89 16.01
N GLU B 33 -13.34 -1.16 17.27
CA GLU B 33 -13.44 -0.09 18.25
C GLU B 33 -12.17 0.74 18.02
N SER B 34 -12.31 2.06 17.98
CA SER B 34 -11.13 2.91 17.79
C SER B 34 -10.11 2.66 18.89
N GLU B 35 -8.85 2.62 18.49
CA GLU B 35 -7.74 2.40 19.39
C GLU B 35 -7.35 3.73 20.07
N THR B 36 -7.49 4.86 19.39
CA THR B 36 -7.13 6.16 20.00
C THR B 36 -8.32 6.87 20.66
N THR B 37 -9.53 6.50 20.27
CA THR B 37 -10.72 7.10 20.87
C THR B 37 -11.59 5.96 21.42
N LYS B 38 -11.37 5.56 22.67
CA LYS B 38 -12.18 4.48 23.23
C LYS B 38 -13.60 5.01 23.34
N GLY B 39 -14.57 4.18 22.96
CA GLY B 39 -15.97 4.60 22.99
C GLY B 39 -16.47 4.91 21.61
N ALA B 40 -15.52 5.14 20.69
CA ALA B 40 -15.83 5.43 19.29
C ALA B 40 -15.40 4.22 18.48
N TYR B 41 -15.84 4.19 17.22
CA TYR B 41 -15.49 3.09 16.35
C TYR B 41 -14.85 3.64 15.10
N CYS B 42 -14.29 2.75 14.29
CA CYS B 42 -13.71 3.13 13.01
C CYS B 42 -14.15 2.16 11.94
N LEU B 43 -14.31 2.69 10.74
CA LEU B 43 -14.63 1.85 9.58
C LEU B 43 -13.31 1.82 8.79
N SER B 44 -12.71 0.63 8.66
CA SER B 44 -11.45 0.46 7.95
C SER B 44 -11.73 -0.25 6.62
N VAL B 45 -11.29 0.40 5.53
CA VAL B 45 -11.56 -0.04 4.16
C VAL B 45 -10.31 -0.21 3.29
N SER B 46 -10.22 -1.31 2.57
CA SER B 46 -9.08 -1.57 1.70
C SER B 46 -9.29 -0.72 0.43
N ASP B 47 -8.22 -0.11 -0.05
CA ASP B 47 -8.35 0.76 -1.22
C ASP B 47 -7.14 0.50 -2.08
N PHE B 48 -7.07 1.17 -3.23
CA PHE B 48 -5.95 0.99 -4.12
C PHE B 48 -5.84 2.15 -5.10
N ASP B 49 -4.61 2.51 -5.43
CA ASP B 49 -4.38 3.49 -6.47
C ASP B 49 -3.04 3.03 -7.01
N ASN B 50 -2.79 3.29 -8.28
CA ASN B 50 -1.59 2.81 -8.95
C ASN B 50 -0.27 3.26 -8.36
N ALA B 51 -0.22 4.47 -7.84
CA ALA B 51 1.03 5.01 -7.27
C ALA B 51 1.37 4.51 -5.85
N LYS B 52 0.36 4.47 -4.98
CA LYS B 52 0.63 4.02 -3.61
C LYS B 52 0.48 2.51 -3.46
N GLY B 53 -0.42 1.94 -4.26
CA GLY B 53 -0.73 0.51 -4.24
C GLY B 53 -1.84 0.22 -3.24
N LEU B 54 -1.86 -0.99 -2.69
CA LEU B 54 -2.91 -1.34 -1.71
C LEU B 54 -2.70 -0.50 -0.46
N ASN B 55 -3.78 0.06 0.05
CA ASN B 55 -3.70 0.85 1.27
C ASN B 55 -5.04 0.81 2.01
N VAL B 56 -5.03 1.10 3.31
CA VAL B 56 -6.24 1.11 4.10
C VAL B 56 -6.66 2.53 4.49
N LYS B 57 -7.94 2.86 4.25
CA LYS B 57 -8.47 4.16 4.67
C LYS B 57 -9.23 3.90 5.98
N HIS B 58 -8.97 4.72 7.00
CA HIS B 58 -9.65 4.58 8.28
C HIS B 58 -10.53 5.78 8.50
N TYR B 59 -11.82 5.52 8.71
CA TYR B 59 -12.80 6.56 8.97
C TYR B 59 -13.21 6.48 10.44
N LYS B 60 -12.95 7.55 11.19
CA LYS B 60 -13.41 7.53 12.58
C LYS B 60 -14.92 7.78 12.59
N ILE B 61 -15.64 6.90 13.29
CA ILE B 61 -17.08 7.03 13.42
C ILE B 61 -17.39 7.70 14.77
N ARG B 62 -18.09 8.81 14.72
CA ARG B 62 -18.45 9.57 15.93
C ARG B 62 -19.87 9.21 16.33
N LYS B 63 -20.15 9.31 17.62
CA LYS B 63 -21.47 9.00 18.16
C LYS B 63 -22.06 10.26 18.78
N LEU B 64 -23.35 10.51 18.49
CA LEU B 64 -24.06 11.68 19.03
C LEU B 64 -24.49 11.49 20.49
N ASP B 65 -25.14 12.52 21.03
CA ASP B 65 -25.66 12.51 22.40
C ASP B 65 -26.96 11.69 22.32
N SER B 66 -27.60 11.81 21.16
CA SER B 66 -28.84 11.10 20.85
C SER B 66 -28.62 9.58 20.87
N GLY B 67 -27.52 9.17 20.25
CA GLY B 67 -27.20 7.75 20.20
C GLY B 67 -26.92 7.32 18.78
N GLY B 68 -26.99 8.28 17.85
CA GLY B 68 -26.73 8.00 16.44
C GLY B 68 -25.24 7.81 16.14
N PHE B 69 -24.93 7.51 14.88
CA PHE B 69 -23.54 7.30 14.47
C PHE B 69 -23.29 7.99 13.14
N TYR B 70 -22.07 8.47 12.91
CA TYR B 70 -21.76 9.14 11.66
C TYR B 70 -20.28 9.24 11.32
N ILE B 71 -20.00 9.39 10.04
CA ILE B 71 -18.64 9.61 9.58
C ILE B 71 -18.60 11.11 9.23
N THR B 72 -19.67 11.59 8.58
CA THR B 72 -19.82 13.01 8.27
C THR B 72 -21.14 13.40 8.88
N SER B 73 -21.14 14.55 9.53
CA SER B 73 -22.30 15.10 10.25
C SER B 73 -23.62 15.05 9.50
N ARG B 74 -23.54 15.33 8.20
CA ARG B 74 -24.71 15.34 7.32
C ARG B 74 -25.41 13.99 7.19
N THR B 75 -24.66 12.90 7.30
CA THR B 75 -25.23 11.56 7.13
C THR B 75 -25.21 10.70 8.39
N GLN B 76 -26.27 10.79 9.19
CA GLN B 76 -26.34 10.06 10.45
C GLN B 76 -27.13 8.74 10.41
N PHE B 77 -26.74 7.82 11.29
CA PHE B 77 -27.35 6.49 11.37
C PHE B 77 -27.74 6.14 12.80
N SER B 78 -28.69 5.21 12.97
CA SER B 78 -29.13 4.82 14.31
C SER B 78 -28.34 3.63 14.86
N SER B 79 -27.53 3.01 14.00
CA SER B 79 -26.74 1.85 14.41
C SER B 79 -25.53 1.68 13.51
N LEU B 80 -24.56 0.89 13.96
CA LEU B 80 -23.38 0.62 13.15
C LEU B 80 -23.78 -0.25 11.96
N GLN B 81 -24.78 -1.11 12.17
CA GLN B 81 -25.27 -1.99 11.11
C GLN B 81 -25.88 -1.18 9.99
N GLN B 82 -26.64 -0.12 10.34
CA GLN B 82 -27.26 0.73 9.33
C GLN B 82 -26.20 1.53 8.56
N LEU B 83 -25.12 1.93 9.24
CA LEU B 83 -24.04 2.67 8.60
C LEU B 83 -23.36 1.77 7.58
N VAL B 84 -23.09 0.52 7.98
CA VAL B 84 -22.44 -0.46 7.10
C VAL B 84 -23.31 -0.78 5.88
N ALA B 85 -24.63 -0.87 6.09
CA ALA B 85 -25.56 -1.18 5.01
C ALA B 85 -25.55 -0.03 4.00
N TYR B 86 -25.63 1.19 4.51
CA TYR B 86 -25.64 2.40 3.71
C TYR B 86 -24.42 2.49 2.78
N TYR B 87 -23.23 2.39 3.36
CA TYR B 87 -22.02 2.49 2.56
C TYR B 87 -21.75 1.27 1.65
N SER B 88 -22.51 0.19 1.86
CA SER B 88 -22.41 -0.99 1.01
C SER B 88 -23.31 -0.73 -0.21
N LYS B 89 -24.34 0.10 -0.02
CA LYS B 89 -25.26 0.47 -1.11
C LYS B 89 -24.57 1.42 -2.08
N HIS B 90 -23.90 2.42 -1.52
CA HIS B 90 -23.21 3.40 -2.36
C HIS B 90 -22.12 4.08 -1.54
N ALA B 91 -21.00 4.40 -2.18
CA ALA B 91 -19.90 5.03 -1.46
C ALA B 91 -20.27 6.39 -0.84
N ASP B 92 -21.13 7.16 -1.51
CA ASP B 92 -21.53 8.48 -1.02
C ASP B 92 -20.37 9.28 -0.39
N GLY B 93 -19.23 9.33 -1.07
CA GLY B 93 -18.14 10.12 -0.55
C GLY B 93 -16.99 9.33 0.04
N LEU B 94 -17.26 8.07 0.36
CA LEU B 94 -16.24 7.17 0.90
C LEU B 94 -15.25 6.86 -0.22
N CYS B 95 -14.07 6.35 0.10
CA CYS B 95 -13.06 6.02 -0.92
C CYS B 95 -13.54 5.00 -1.96
N HIS B 96 -14.46 4.14 -1.56
CA HIS B 96 -14.96 3.14 -2.48
C HIS B 96 -16.16 2.53 -1.76
N ARG B 97 -17.06 1.94 -2.52
CA ARG B 97 -18.24 1.27 -1.93
C ARG B 97 -17.74 0.12 -1.02
N LEU B 98 -18.48 -0.21 0.04
CA LEU B 98 -18.07 -1.36 0.88
C LEU B 98 -18.52 -2.58 0.07
N THR B 99 -17.59 -3.46 -0.25
CA THR B 99 -17.88 -4.59 -1.12
C THR B 99 -17.88 -5.97 -0.51
N ASN B 100 -17.04 -6.18 0.49
CA ASN B 100 -16.92 -7.49 1.10
C ASN B 100 -16.46 -7.36 2.55
N VAL B 101 -17.01 -8.22 3.41
CA VAL B 101 -16.60 -8.21 4.81
C VAL B 101 -15.21 -8.85 4.82
N CYS B 102 -14.31 -8.28 5.61
CA CYS B 102 -12.96 -8.82 5.70
C CYS B 102 -12.99 -10.25 6.27
N PRO B 103 -12.26 -11.19 5.64
CA PRO B 103 -12.17 -12.60 6.05
C PRO B 103 -11.76 -12.84 7.51
N THR B 104 -12.19 -13.99 8.04
CA THR B 104 -11.96 -14.48 9.42
C THR B 104 -12.46 -13.52 10.48
C1 AY0 C 1 23.89 9.23 -7.09
O2 AY0 C 1 21.89 7.28 -6.63
O AY0 C 1 20.06 7.49 -2.07
O4 AY0 C 1 25.04 0.07 -8.23
O5 AY0 C 1 26.40 2.15 -7.80
O6 AY0 C 1 24.01 2.38 -8.69
C2 AY0 C 1 24.68 3.74 -5.33
C3 AY0 C 1 22.47 2.72 -5.37
C4 AY0 C 1 24.13 4.84 -4.64
C5 AY0 C 1 21.91 3.82 -4.67
N AY0 C 1 23.68 8.46 -5.87
O7 AY0 C 1 24.36 1.55 -6.37
C6 AY0 C 1 22.55 7.72 -5.70
C AY0 C 1 19.79 6.98 -3.17
C8 AY0 C 1 23.82 2.68 -5.68
C9 AY0 C 1 22.76 4.91 -4.29
C10 AY0 C 1 22.25 7.50 -4.23
C11 AY0 C 1 20.96 6.72 -4.17
C12 AY0 C 1 22.32 6.18 -3.54
P1 AY0 C 1 24.97 1.57 -7.87
N GLU C 2 18.55 6.70 -3.52
CA GLU C 2 17.43 7.03 -2.60
C GLU C 2 17.30 6.34 -1.25
N GLU C 3 16.63 7.04 -0.34
CA GLU C 3 16.38 6.53 1.01
C GLU C 3 14.86 6.44 1.22
N ILE C 4 14.42 5.47 2.02
CA ILE C 4 13.00 5.30 2.32
C ILE C 4 12.83 5.62 3.81
C1 AY0 D 1 -3.09 8.86 10.10
O2 AY0 D 1 -5.68 7.85 9.69
O AY0 D 1 -8.82 11.25 8.16
O4 AY0 D 1 -8.33 4.04 16.17
O5 AY0 D 1 -6.34 5.54 15.77
O6 AY0 D 1 -7.25 4.21 13.82
C2 AY0 D 1 -7.47 8.02 13.99
C3 AY0 D 1 -9.30 6.97 12.70
C4 AY0 D 1 -7.34 8.96 12.95
C5 AY0 D 1 -9.16 7.94 11.65
N AY0 D 1 -4.34 9.54 10.41
O7 AY0 D 1 -8.61 6.08 14.86
C6 AY0 D 1 -5.54 9.04 9.97
C AY0 D 1 -8.66 10.03 8.19
C8 AY0 D 1 -8.47 7.03 13.83
C9 AY0 D 1 -8.16 8.96 11.79
C10 AY0 D 1 -6.61 10.09 9.90
C11 AY0 D 1 -7.79 9.42 9.31
C12 AY0 D 1 -7.85 10.11 10.73
P1 AY0 D 1 -7.56 4.89 15.14
N GLU D 2 -9.14 9.23 7.25
CA GLU D 2 -9.90 9.75 6.11
C GLU D 2 -11.22 10.44 6.44
N GLU D 3 -11.57 11.49 5.70
CA GLU D 3 -12.83 12.18 5.95
C GLU D 3 -13.64 12.31 4.65
N ILE D 4 -14.95 12.49 4.78
CA ILE D 4 -15.79 12.64 3.60
C ILE D 4 -16.03 14.13 3.44
#